data_3Q87
#
_entry.id   3Q87
#
_cell.length_a   42.115
_cell.length_b   74.316
_cell.length_c   96.754
_cell.angle_alpha   90.00
_cell.angle_beta   90.00
_cell.angle_gamma   90.00
#
_symmetry.space_group_name_H-M   'P 21 21 21'
#
loop_
_entity.id
_entity.type
_entity.pdbx_description
1 polymer 'Putative uncharacterized protein ECU08_1170'
2 polymer 'N6 adenine specific DNA methylase'
3 non-polymer 'ZINC ION'
4 non-polymer S-ADENOSYLMETHIONINE
5 water water
#
loop_
_entity_poly.entity_id
_entity_poly.type
_entity_poly.pdbx_seq_one_letter_code
_entity_poly.pdbx_strand_id
1 'polypeptide(L)'
;MKPFLLGLLKCKRCSFMTKLILECEKAESNDVDTDDVKIFNKHMFTENGGERLKSLVNSLRDFHGRELSEQDISSFVENP
GDDEKIKEFLFGIDVVEGSLRCDMCGLIYPIKGSIVETVDTVESK
;
A
2 'polypeptide(L)'
;MDWYEPGEDTYTLMDALEREGLEMKIVLDLGTSTGVITEQLRKRNTVVSTDLNIRALESHRGGNLVRADLLCSINQESVD
VVVFNPPYVPDTDDPIIGGGYLGREVIDRFVDAVTVGMLYLLVIEANRPKEVLARLEERGYGTRILKVRKILGETVYIIK
GEKSHHHHHH
;
B
#
# COMPACT_ATOMS: atom_id res chain seq x y z
N MET A 1 -10.91 -4.17 5.35
CA MET A 1 -9.78 -4.80 4.68
C MET A 1 -10.10 -6.20 4.15
N LYS A 2 -9.74 -6.42 2.89
CA LYS A 2 -9.88 -7.71 2.27
C LYS A 2 -8.69 -8.60 2.66
N PRO A 3 -8.94 -9.90 2.86
CA PRO A 3 -7.88 -10.77 3.38
C PRO A 3 -6.62 -10.88 2.50
N PHE A 4 -6.69 -10.53 1.22
CA PHE A 4 -5.47 -10.59 0.41
C PHE A 4 -4.40 -9.65 0.95
N LEU A 5 -4.82 -8.65 1.73
CA LEU A 5 -3.87 -7.71 2.33
C LEU A 5 -2.90 -8.41 3.28
N LEU A 6 -3.29 -9.58 3.77
CA LEU A 6 -2.40 -10.35 4.65
C LEU A 6 -1.12 -10.79 3.94
N GLY A 7 -1.09 -10.71 2.61
CA GLY A 7 0.16 -10.93 1.90
C GLY A 7 1.07 -9.71 1.83
N LEU A 8 0.54 -8.55 2.21
CA LEU A 8 1.21 -7.28 1.96
C LEU A 8 1.60 -6.53 3.23
N LEU A 9 0.96 -6.88 4.34
CA LEU A 9 1.20 -6.16 5.57
C LEU A 9 2.23 -6.88 6.41
N LYS A 10 2.95 -6.15 7.25
CA LYS A 10 3.88 -6.78 8.17
C LYS A 10 3.93 -6.00 9.48
N CYS A 11 4.41 -6.65 10.53
CA CYS A 11 4.60 -5.97 11.80
C CYS A 11 5.67 -4.91 11.62
N LYS A 12 5.40 -3.73 12.14
CA LYS A 12 6.30 -2.62 11.87
C LYS A 12 7.44 -2.56 12.89
N ARG A 13 7.39 -3.45 13.88
CA ARG A 13 8.39 -3.46 14.95
C ARG A 13 9.39 -4.62 14.77
N CYS A 14 8.88 -5.82 14.49
CA CYS A 14 9.75 -6.95 14.20
C CYS A 14 10.51 -6.72 12.89
N SER A 15 11.81 -7.01 12.91
CA SER A 15 12.69 -6.72 11.78
C SER A 15 12.75 -7.91 10.83
N PHE A 16 11.89 -8.89 11.07
CA PHE A 16 11.79 -10.07 10.23
C PHE A 16 10.31 -10.34 10.02
N MET A 17 9.98 -11.10 8.98
CA MET A 17 8.58 -11.49 8.76
C MET A 17 8.06 -12.30 9.94
N THR A 18 6.82 -12.02 10.30
CA THR A 18 6.10 -12.77 11.30
C THR A 18 4.70 -12.97 10.73
N LYS A 19 3.83 -13.67 11.45
CA LYS A 19 2.46 -13.89 10.99
C LYS A 19 1.52 -12.91 11.66
N LEU A 20 0.73 -12.18 10.87
CA LEU A 20 -0.29 -11.31 11.44
C LEU A 20 -1.58 -12.09 11.56
N ILE A 21 -2.11 -12.22 12.77
CA ILE A 21 -3.33 -12.99 12.99
C ILE A 21 -4.56 -12.11 13.07
N LEU A 22 -5.59 -12.49 12.32
CA LEU A 22 -6.80 -11.70 12.19
C LEU A 22 -7.81 -12.04 13.29
N GLU A 23 -8.32 -11.00 13.95
CA GLU A 23 -9.52 -11.13 14.76
C GLU A 23 -10.62 -10.28 14.12
N CYS A 24 -11.78 -10.89 13.91
CA CYS A 24 -12.83 -10.25 13.15
C CYS A 24 -14.07 -9.99 13.98
N GLU A 25 -14.36 -8.73 14.29
CA GLU A 25 -15.62 -8.40 14.92
C GLU A 25 -16.75 -8.43 13.90
N LYS A 26 -16.61 -7.69 12.80
CA LYS A 26 -17.59 -7.83 11.74
C LYS A 26 -17.03 -7.72 10.33
N ALA A 27 -17.62 -8.53 9.45
CA ALA A 27 -17.18 -8.63 8.06
C ALA A 27 -18.38 -8.67 7.13
N GLU A 28 -18.22 -8.09 5.94
CA GLU A 28 -19.28 -8.08 4.94
C GLU A 28 -18.79 -8.75 3.67
N SER A 29 -19.71 -9.31 2.89
CA SER A 29 -19.32 -9.91 1.62
C SER A 29 -19.22 -8.78 0.60
N ASN A 30 -18.30 -8.93 -0.35
CA ASN A 30 -18.08 -7.93 -1.38
C ASN A 30 -18.11 -8.61 -2.74
N ASP A 31 -18.70 -7.93 -3.72
CA ASP A 31 -18.77 -8.43 -5.09
C ASP A 31 -17.39 -8.67 -5.70
N VAL A 32 -17.19 -9.86 -6.25
CA VAL A 32 -15.96 -10.16 -7.00
C VAL A 32 -16.21 -10.19 -8.51
N ASP A 36 -12.39 -6.50 -12.69
CA ASP A 36 -11.16 -5.74 -12.49
C ASP A 36 -10.05 -6.60 -11.89
N VAL A 37 -8.88 -5.99 -11.73
CA VAL A 37 -7.65 -6.72 -11.47
C VAL A 37 -7.47 -7.20 -10.02
N LYS A 38 -7.32 -8.50 -9.87
CA LYS A 38 -7.16 -9.12 -8.57
C LYS A 38 -5.89 -9.93 -8.54
N ILE A 39 -4.78 -9.27 -8.29
CA ILE A 39 -3.51 -9.94 -8.17
C ILE A 39 -3.16 -10.07 -6.68
N PHE A 40 -2.75 -11.27 -6.26
CA PHE A 40 -2.27 -11.47 -4.89
C PHE A 40 -0.94 -12.23 -4.82
N ASN A 41 -0.31 -12.19 -3.63
CA ASN A 41 0.98 -12.81 -3.41
C ASN A 41 0.81 -14.28 -3.04
N LYS A 42 0.62 -15.08 -4.07
CA LYS A 42 0.27 -16.49 -3.91
C LYS A 42 1.16 -17.23 -2.91
N HIS A 43 2.46 -17.06 -3.02
CA HIS A 43 3.39 -17.75 -2.14
C HIS A 43 3.10 -17.50 -0.64
N MET A 44 2.57 -16.32 -0.33
CA MET A 44 2.26 -15.99 1.06
C MET A 44 1.15 -16.91 1.59
N PHE A 45 0.31 -17.36 0.67
CA PHE A 45 -0.83 -18.17 1.03
C PHE A 45 -0.64 -19.66 0.77
N THR A 46 0.50 -20.03 0.16
CA THR A 46 0.80 -21.45 -0.09
C THR A 46 1.71 -22.02 0.99
N GLU A 47 2.71 -21.24 1.40
CA GLU A 47 3.70 -21.72 2.36
C GLU A 47 3.09 -22.42 3.57
N ASN A 48 3.84 -23.37 4.14
CA ASN A 48 3.34 -24.20 5.24
C ASN A 48 1.97 -24.77 4.94
N GLY A 49 1.83 -25.31 3.74
CA GLY A 49 0.58 -25.94 3.36
C GLY A 49 -0.62 -25.06 3.60
N GLY A 50 -0.49 -23.79 3.22
CA GLY A 50 -1.61 -22.86 3.23
C GLY A 50 -1.93 -22.34 4.62
N GLU A 51 -0.89 -22.20 5.43
CA GLU A 51 -1.04 -21.73 6.79
C GLU A 51 -1.85 -20.44 6.91
N ARG A 52 -1.50 -19.43 6.11
CA ARG A 52 -2.20 -18.16 6.20
C ARG A 52 -3.69 -18.30 5.91
N LEU A 53 -4.01 -19.17 4.94
CA LEU A 53 -5.41 -19.44 4.58
C LEU A 53 -6.18 -20.14 5.71
N LYS A 54 -5.54 -21.14 6.30
CA LYS A 54 -6.10 -21.82 7.47
C LYS A 54 -6.33 -20.84 8.61
N SER A 55 -5.36 -19.96 8.84
CA SER A 55 -5.48 -18.92 9.85
C SER A 55 -6.67 -18.00 9.58
N LEU A 56 -6.79 -17.53 8.34
CA LEU A 56 -7.92 -16.70 7.93
C LEU A 56 -9.25 -17.44 8.08
N VAL A 57 -9.29 -18.70 7.64
CA VAL A 57 -10.56 -19.44 7.69
C VAL A 57 -11.04 -19.56 9.14
N ASN A 58 -10.10 -19.80 10.04
CA ASN A 58 -10.40 -19.83 11.47
C ASN A 58 -10.87 -18.47 11.99
N SER A 59 -10.19 -17.41 11.59
CA SER A 59 -10.57 -16.07 12.02
C SER A 59 -11.97 -15.69 11.56
N LEU A 60 -12.38 -16.21 10.41
CA LEU A 60 -13.66 -15.82 9.84
C LEU A 60 -14.74 -16.90 9.95
N ARG A 61 -14.55 -17.84 10.89
CA ARG A 61 -15.46 -18.98 11.00
C ARG A 61 -16.90 -18.59 11.33
N ASP A 62 -17.09 -17.47 12.01
CA ASP A 62 -18.42 -16.93 12.29
C ASP A 62 -18.97 -16.05 11.15
N PHE A 63 -18.23 -15.98 10.05
CA PHE A 63 -18.73 -15.27 8.87
C PHE A 63 -19.12 -16.25 7.78
N HIS A 64 -20.37 -16.22 7.36
CA HIS A 64 -20.86 -17.21 6.42
C HIS A 64 -21.16 -16.64 5.03
N GLY A 65 -20.76 -15.39 4.80
CA GLY A 65 -21.00 -14.74 3.52
C GLY A 65 -20.21 -15.40 2.40
N ARG A 66 -19.10 -16.02 2.76
CA ARG A 66 -18.25 -16.73 1.82
C ARG A 66 -17.49 -17.79 2.60
N GLU A 67 -17.02 -18.84 1.92
CA GLU A 67 -16.42 -19.96 2.64
C GLU A 67 -15.34 -20.72 1.86
N LEU A 68 -14.40 -21.29 2.60
CA LEU A 68 -13.39 -22.19 2.03
C LEU A 68 -13.46 -23.53 2.73
N SER A 69 -12.84 -24.54 2.12
CA SER A 69 -12.84 -25.88 2.71
C SER A 69 -11.44 -26.47 2.69
N GLU A 70 -11.20 -27.41 3.59
CA GLU A 70 -9.93 -28.14 3.64
C GLU A 70 -9.45 -28.41 2.22
N GLN A 71 -10.37 -28.86 1.39
CA GLN A 71 -10.02 -29.27 0.04
C GLN A 71 -9.63 -28.06 -0.80
N ASP A 72 -10.47 -27.02 -0.75
CA ASP A 72 -10.22 -25.80 -1.50
C ASP A 72 -8.80 -25.32 -1.24
N ILE A 73 -8.36 -25.44 0.01
CA ILE A 73 -7.05 -24.99 0.41
C ILE A 73 -5.94 -25.93 -0.06
N SER A 74 -6.12 -27.22 0.19
CA SER A 74 -5.14 -28.22 -0.21
C SER A 74 -4.96 -28.21 -1.72
N SER A 75 -6.07 -28.18 -2.44
CA SER A 75 -6.01 -28.13 -3.90
C SER A 75 -5.30 -26.88 -4.41
N PHE A 76 -5.53 -25.73 -3.76
CA PHE A 76 -4.83 -24.51 -4.16
C PHE A 76 -3.32 -24.65 -3.93
N VAL A 77 -2.96 -25.27 -2.82
CA VAL A 77 -1.56 -25.57 -2.56
C VAL A 77 -0.99 -26.49 -3.65
N GLU A 78 -1.80 -27.45 -4.13
CA GLU A 78 -1.37 -28.31 -5.23
C GLU A 78 -1.20 -27.47 -6.48
N ASN A 79 -2.34 -27.05 -7.01
CA ASN A 79 -2.42 -26.26 -8.24
C ASN A 79 -2.79 -24.81 -7.93
N PRO A 80 -1.77 -23.99 -7.63
CA PRO A 80 -1.97 -22.56 -7.31
C PRO A 80 -2.58 -21.81 -8.48
N GLY A 81 -2.48 -22.36 -9.67
CA GLY A 81 -3.06 -21.80 -10.86
C GLY A 81 -4.57 -21.76 -10.80
N ASP A 82 -5.16 -22.67 -10.02
CA ASP A 82 -6.61 -22.71 -9.85
C ASP A 82 -7.01 -22.00 -8.57
N ASP A 83 -7.13 -20.68 -8.67
CA ASP A 83 -7.35 -19.86 -7.50
C ASP A 83 -8.65 -19.10 -7.61
N GLU A 84 -9.59 -19.63 -8.36
CA GLU A 84 -10.89 -19.00 -8.48
C GLU A 84 -11.57 -18.91 -7.11
N LYS A 85 -11.46 -19.98 -6.33
CA LYS A 85 -12.07 -20.01 -5.02
C LYS A 85 -11.27 -19.21 -3.99
N ILE A 86 -9.95 -19.23 -4.14
CA ILE A 86 -9.08 -18.46 -3.26
C ILE A 86 -9.30 -16.96 -3.45
N LYS A 87 -9.20 -16.50 -4.69
CA LYS A 87 -9.47 -15.10 -5.05
C LYS A 87 -10.80 -14.63 -4.48
N GLU A 88 -11.80 -15.50 -4.57
CA GLU A 88 -13.13 -15.16 -4.13
C GLU A 88 -13.15 -14.94 -2.61
N PHE A 89 -12.37 -15.76 -1.90
CA PHE A 89 -12.28 -15.61 -0.45
C PHE A 89 -11.43 -14.37 -0.10
N LEU A 90 -10.33 -14.18 -0.81
CA LEU A 90 -9.36 -13.16 -0.42
C LEU A 90 -9.77 -11.75 -0.89
N PHE A 91 -10.60 -11.70 -1.92
CA PHE A 91 -11.02 -10.42 -2.48
C PHE A 91 -12.50 -10.19 -2.26
N GLY A 92 -13.21 -11.25 -1.90
CA GLY A 92 -14.66 -11.20 -1.81
C GLY A 92 -15.18 -10.99 -0.41
N ILE A 93 -14.28 -10.75 0.53
CA ILE A 93 -14.68 -10.44 1.90
C ILE A 93 -14.00 -9.17 2.36
N ASP A 94 -14.73 -8.37 3.13
CA ASP A 94 -14.15 -7.16 3.69
C ASP A 94 -14.38 -7.11 5.20
N VAL A 95 -13.28 -7.12 5.96
CA VAL A 95 -13.37 -6.98 7.40
C VAL A 95 -13.54 -5.51 7.69
N VAL A 96 -14.69 -5.12 8.27
CA VAL A 96 -14.91 -3.72 8.57
C VAL A 96 -14.43 -3.41 9.98
N GLU A 97 -14.61 -4.38 10.89
CA GLU A 97 -14.20 -4.20 12.29
C GLU A 97 -13.44 -5.41 12.78
N GLY A 98 -12.27 -5.18 13.38
CA GLY A 98 -11.46 -6.27 13.86
C GLY A 98 -10.05 -5.84 14.21
N SER A 99 -9.11 -6.78 14.08
CA SER A 99 -7.72 -6.53 14.49
C SER A 99 -6.75 -7.46 13.80
N LEU A 100 -5.51 -7.00 13.67
CA LEU A 100 -4.41 -7.83 13.22
C LEU A 100 -3.36 -7.86 14.31
N ARG A 101 -2.90 -9.05 14.71
CA ARG A 101 -1.93 -9.18 15.79
C ARG A 101 -0.66 -9.91 15.32
N CYS A 102 0.50 -9.30 15.53
CA CYS A 102 1.77 -9.94 15.24
C CYS A 102 1.97 -11.11 16.19
N ASP A 103 2.19 -12.30 15.66
CA ASP A 103 2.31 -13.49 16.49
C ASP A 103 3.60 -13.51 17.31
N MET A 104 4.57 -12.68 16.95
CA MET A 104 5.84 -12.69 17.66
C MET A 104 5.93 -11.66 18.79
N CYS A 105 5.50 -10.42 18.53
CA CYS A 105 5.63 -9.39 19.56
C CYS A 105 4.27 -8.95 20.11
N GLY A 106 3.18 -9.47 19.53
CA GLY A 106 1.84 -9.11 20.00
C GLY A 106 1.32 -7.72 19.63
N LEU A 107 2.09 -6.96 18.85
CA LEU A 107 1.61 -5.67 18.37
C LEU A 107 0.27 -5.82 17.63
N ILE A 108 -0.65 -4.89 17.90
CA ILE A 108 -1.99 -4.94 17.33
C ILE A 108 -2.28 -3.77 16.40
N TYR A 109 -2.75 -4.09 15.20
CA TYR A 109 -3.29 -3.12 14.26
C TYR A 109 -4.83 -3.22 14.28
N PRO A 110 -5.49 -2.22 14.87
CA PRO A 110 -6.96 -2.26 14.80
C PRO A 110 -7.42 -2.12 13.35
N ILE A 111 -8.57 -2.71 13.05
CA ILE A 111 -9.23 -2.52 11.78
C ILE A 111 -10.54 -1.82 12.13
N LYS A 112 -10.73 -0.61 11.62
CA LYS A 112 -11.85 0.22 12.01
C LYS A 112 -12.47 0.87 10.77
N GLY A 113 -13.73 0.56 10.48
CA GLY A 113 -14.36 1.03 9.26
C GLY A 113 -13.65 0.55 8.00
N SER A 114 -13.18 -0.70 8.02
CA SER A 114 -12.41 -1.31 6.92
C SER A 114 -10.98 -0.79 6.73
N ILE A 115 -10.60 0.26 7.44
CA ILE A 115 -9.24 0.76 7.32
C ILE A 115 -8.32 0.05 8.32
N VAL A 116 -7.14 -0.35 7.85
CA VAL A 116 -6.12 -0.94 8.75
C VAL A 116 -5.27 0.17 9.37
N GLU A 117 -5.26 0.19 10.69
CA GLU A 117 -4.66 1.27 11.43
C GLU A 117 -3.29 0.80 11.95
N THR A 118 -2.21 1.26 11.33
CA THR A 118 -0.89 0.79 11.75
C THR A 118 -0.08 1.85 12.48
N VAL A 119 -0.68 3.01 12.73
CA VAL A 119 0.02 4.10 13.38
C VAL A 119 -0.33 4.08 14.85
N ASP A 120 -1.62 4.12 15.16
CA ASP A 120 -2.07 4.09 16.55
C ASP A 120 -2.32 2.64 16.96
N THR A 121 -1.27 2.00 17.44
CA THR A 121 -1.29 0.58 17.71
C THR A 121 -1.64 0.26 19.18
N VAL A 122 -1.90 -1.02 19.43
CA VAL A 122 -2.16 -1.52 20.78
C VAL A 122 -1.14 -2.61 21.08
N GLU A 123 -0.73 -2.73 22.34
CA GLU A 123 0.09 -3.85 22.79
C GLU A 123 -0.78 -4.93 23.42
N SER A 124 -0.41 -6.18 23.23
CA SER A 124 -1.20 -7.26 23.79
C SER A 124 -0.34 -8.17 24.65
N LYS A 125 0.96 -7.95 24.63
CA LYS A 125 1.88 -8.74 25.45
C LYS A 125 2.32 -7.97 26.68
N MET B 1 -6.52 22.85 5.48
CA MET B 1 -7.24 21.85 4.69
C MET B 1 -7.30 20.56 5.49
N ASP B 2 -8.41 19.84 5.38
CA ASP B 2 -8.58 18.59 6.11
C ASP B 2 -7.76 17.48 5.45
N TRP B 3 -7.59 17.56 4.14
CA TRP B 3 -6.78 16.60 3.40
C TRP B 3 -6.29 17.24 2.11
N TYR B 4 -5.27 16.65 1.50
CA TYR B 4 -4.73 17.22 0.27
C TYR B 4 -5.64 16.90 -0.90
N GLU B 5 -6.03 17.93 -1.65
CA GLU B 5 -6.98 17.76 -2.74
C GLU B 5 -6.22 17.69 -4.07
N PRO B 6 -6.81 17.01 -5.08
CA PRO B 6 -6.13 16.88 -6.38
C PRO B 6 -5.77 18.24 -6.98
N GLY B 7 -4.51 18.43 -7.39
CA GLY B 7 -4.04 19.67 -7.97
C GLY B 7 -3.28 19.39 -9.25
N GLU B 8 -2.67 20.43 -9.84
CA GLU B 8 -1.92 20.26 -11.08
C GLU B 8 -0.75 19.30 -10.86
N ASP B 9 -0.17 19.33 -9.67
CA ASP B 9 0.88 18.39 -9.35
C ASP B 9 0.39 16.95 -9.46
N THR B 10 -0.74 16.63 -8.84
CA THR B 10 -1.25 15.26 -8.93
C THR B 10 -1.52 14.88 -10.39
N TYR B 11 -2.11 15.79 -11.15
CA TYR B 11 -2.42 15.46 -12.55
C TYR B 11 -1.20 15.25 -13.45
N THR B 12 -0.08 15.87 -13.14
CA THR B 12 1.13 15.58 -13.90
C THR B 12 1.67 14.17 -13.57
N LEU B 13 1.57 13.76 -12.30
CA LEU B 13 1.92 12.38 -11.94
C LEU B 13 0.97 11.42 -12.67
N MET B 14 -0.32 11.69 -12.61
CA MET B 14 -1.29 10.84 -13.27
C MET B 14 -1.05 10.74 -14.78
N ASP B 15 -0.73 11.87 -15.42
CA ASP B 15 -0.46 11.88 -16.85
C ASP B 15 0.74 11.00 -17.18
N ALA B 16 1.80 11.11 -16.39
CA ALA B 16 2.97 10.26 -16.62
C ALA B 16 2.69 8.77 -16.43
N LEU B 17 1.91 8.44 -15.40
CA LEU B 17 1.54 7.05 -15.12
C LEU B 17 0.73 6.50 -16.28
N GLU B 18 -0.12 7.35 -16.83
CA GLU B 18 -0.97 6.93 -17.92
C GLU B 18 -0.15 6.51 -19.14
N ARG B 19 0.91 7.26 -19.43
CA ARG B 19 1.71 7.00 -20.61
C ARG B 19 2.56 5.75 -20.44
N GLU B 20 2.93 5.46 -19.20
CA GLU B 20 3.68 4.26 -18.86
C GLU B 20 2.84 3.00 -19.08
N GLY B 21 1.53 3.12 -18.90
CA GLY B 21 0.65 1.98 -19.04
C GLY B 21 0.88 0.85 -18.03
N LEU B 22 1.09 1.20 -16.77
CA LEU B 22 1.21 0.20 -15.69
C LEU B 22 0.03 -0.76 -15.72
N GLU B 23 0.33 -2.05 -15.71
CA GLU B 23 -0.72 -3.05 -15.84
C GLU B 23 -0.33 -4.35 -15.17
N MET B 24 -1.30 -5.01 -14.53
CA MET B 24 -1.06 -6.30 -13.90
C MET B 24 -0.02 -6.26 -12.78
N LYS B 25 0.07 -5.14 -12.09
CA LYS B 25 1.00 -5.05 -10.97
C LYS B 25 0.29 -5.00 -9.64
N ILE B 26 1.03 -5.22 -8.56
CA ILE B 26 0.55 -4.84 -7.24
C ILE B 26 1.20 -3.49 -6.93
N VAL B 27 0.37 -2.46 -6.79
CA VAL B 27 0.89 -1.09 -6.70
C VAL B 27 0.51 -0.48 -5.37
N LEU B 28 1.49 0.15 -4.74
CA LEU B 28 1.22 0.86 -3.51
C LEU B 28 1.08 2.33 -3.85
N ASP B 29 -0.12 2.88 -3.65
CA ASP B 29 -0.35 4.31 -3.79
C ASP B 29 -0.08 4.94 -2.42
N LEU B 30 1.13 5.43 -2.23
CA LEU B 30 1.58 5.95 -0.96
C LEU B 30 1.18 7.42 -0.84
N GLY B 31 0.58 7.81 0.28
CA GLY B 31 0.03 9.16 0.41
C GLY B 31 -1.16 9.32 -0.54
N THR B 32 -2.08 8.37 -0.45
CA THR B 32 -3.19 8.29 -1.38
C THR B 32 -4.14 9.45 -1.21
N SER B 33 -4.15 10.06 -0.03
CA SER B 33 -5.15 11.08 0.31
C SER B 33 -6.57 10.54 0.07
N THR B 34 -7.37 11.18 -0.79
CA THR B 34 -8.71 10.66 -1.08
C THR B 34 -8.80 9.74 -2.33
N GLY B 35 -7.65 9.41 -2.90
CA GLY B 35 -7.57 8.29 -3.84
C GLY B 35 -7.75 8.59 -5.31
N VAL B 36 -7.54 9.84 -5.72
CA VAL B 36 -7.64 10.17 -7.13
C VAL B 36 -6.69 9.31 -7.98
N ILE B 37 -5.47 9.08 -7.50
CA ILE B 37 -4.54 8.25 -8.26
C ILE B 37 -4.88 6.75 -8.18
N THR B 38 -5.32 6.31 -7.00
CA THR B 38 -5.83 4.95 -6.82
C THR B 38 -6.95 4.63 -7.83
N GLU B 39 -7.86 5.58 -7.99
CA GLU B 39 -8.97 5.43 -8.93
C GLU B 39 -8.49 5.09 -10.35
N GLN B 40 -7.42 5.75 -10.79
CA GLN B 40 -6.87 5.48 -12.11
C GLN B 40 -6.09 4.16 -12.15
N LEU B 41 -5.30 3.92 -11.11
CA LEU B 41 -4.47 2.73 -10.99
C LEU B 41 -5.27 1.42 -10.89
N ARG B 42 -6.41 1.46 -10.23
CA ARG B 42 -7.11 0.21 -9.96
C ARG B 42 -7.77 -0.38 -11.20
N LYS B 43 -7.82 0.41 -12.27
CA LYS B 43 -8.41 -0.08 -13.50
C LYS B 43 -7.57 -1.20 -14.12
N ARG B 44 -6.26 -1.16 -13.90
CA ARG B 44 -5.38 -2.13 -14.52
C ARG B 44 -4.50 -2.90 -13.53
N ASN B 45 -4.61 -2.54 -12.25
CA ASN B 45 -3.74 -3.12 -11.24
C ASN B 45 -4.46 -3.42 -9.94
N THR B 46 -3.81 -4.17 -9.06
CA THR B 46 -4.29 -4.30 -7.70
C THR B 46 -3.56 -3.28 -6.83
N VAL B 47 -4.33 -2.44 -6.15
CA VAL B 47 -3.76 -1.29 -5.46
C VAL B 47 -3.99 -1.37 -3.96
N VAL B 48 -2.93 -1.14 -3.19
CA VAL B 48 -3.05 -0.87 -1.77
C VAL B 48 -2.82 0.63 -1.59
N SER B 49 -3.72 1.30 -0.88
CA SER B 49 -3.60 2.74 -0.73
C SER B 49 -3.41 3.13 0.73
N THR B 50 -2.37 3.93 0.99
CA THR B 50 -2.00 4.25 2.37
C THR B 50 -1.85 5.76 2.57
N ASP B 51 -2.11 6.22 3.79
CA ASP B 51 -1.91 7.62 4.13
C ASP B 51 -1.77 7.74 5.66
N LEU B 52 -1.06 8.77 6.08
CA LEU B 52 -0.94 9.08 7.50
C LEU B 52 -2.22 9.78 7.98
N ASN B 53 -2.93 10.42 7.04
CA ASN B 53 -4.09 11.25 7.33
C ASN B 53 -5.42 10.48 7.35
N ILE B 54 -5.96 10.24 8.55
CA ILE B 54 -7.12 9.38 8.66
C ILE B 54 -8.38 10.03 8.06
N ARG B 55 -8.46 11.35 8.18
CA ARG B 55 -9.57 12.08 7.60
C ARG B 55 -9.70 11.84 6.10
N ALA B 56 -8.58 11.82 5.39
CA ALA B 56 -8.61 11.58 3.94
C ALA B 56 -9.05 10.15 3.66
N LEU B 57 -8.54 9.21 4.44
CA LEU B 57 -8.91 7.82 4.28
C LEU B 57 -10.41 7.62 4.50
N GLU B 58 -10.96 8.36 5.45
CA GLU B 58 -12.37 8.28 5.79
C GLU B 58 -13.29 8.85 4.70
N SER B 59 -12.74 9.68 3.82
CA SER B 59 -13.51 10.21 2.70
C SER B 59 -12.92 9.75 1.36
N HIS B 60 -12.37 8.54 1.36
CA HIS B 60 -11.63 8.03 0.20
C HIS B 60 -12.57 7.58 -0.91
N ARG B 61 -12.17 7.80 -2.17
CA ARG B 61 -12.96 7.35 -3.33
C ARG B 61 -13.25 5.86 -3.24
N GLY B 62 -12.33 5.12 -2.63
CA GLY B 62 -12.55 3.72 -2.35
C GLY B 62 -11.35 2.90 -2.73
N GLY B 63 -11.05 1.89 -1.92
CA GLY B 63 -9.91 1.07 -2.22
C GLY B 63 -9.53 0.21 -1.04
N ASN B 64 -8.28 -0.24 -1.03
CA ASN B 64 -7.79 -1.06 0.07
C ASN B 64 -6.93 -0.17 0.96
N LEU B 65 -7.53 0.27 2.06
CA LEU B 65 -7.01 1.39 2.81
C LEU B 65 -6.20 0.98 4.04
N VAL B 66 -5.00 1.55 4.15
CA VAL B 66 -4.14 1.36 5.31
C VAL B 66 -3.70 2.71 5.82
N ARG B 67 -3.91 2.98 7.10
CA ARG B 67 -3.30 4.18 7.67
C ARG B 67 -1.91 3.77 8.14
N ALA B 68 -0.88 4.39 7.58
CA ALA B 68 0.49 3.98 7.87
C ALA B 68 1.46 5.13 7.67
N ASP B 69 2.62 5.03 8.33
CA ASP B 69 3.70 6.00 8.18
C ASP B 69 4.68 5.44 7.16
N LEU B 70 4.68 6.01 5.96
CA LEU B 70 5.49 5.48 4.87
C LEU B 70 5.30 3.96 4.74
N LEU B 71 6.38 3.19 4.85
CA LEU B 71 6.37 1.78 4.46
C LEU B 71 6.59 0.78 5.59
N CYS B 72 6.75 1.27 6.83
CA CYS B 72 7.12 0.43 7.97
C CYS B 72 6.22 -0.79 8.16
N SER B 73 4.93 -0.62 7.87
CA SER B 73 3.97 -1.69 8.07
C SER B 73 3.66 -2.42 6.76
N ILE B 74 4.44 -2.12 5.72
CA ILE B 74 4.26 -2.75 4.43
C ILE B 74 5.38 -3.74 4.14
N ASN B 75 5.00 -4.95 3.74
CA ASN B 75 5.97 -5.91 3.23
C ASN B 75 6.29 -5.58 1.77
N GLN B 76 7.44 -4.95 1.54
CA GLN B 76 7.79 -4.48 0.19
C GLN B 76 8.12 -5.59 -0.81
N GLU B 77 8.45 -6.77 -0.30
CA GLU B 77 8.65 -7.92 -1.17
C GLU B 77 7.37 -8.27 -1.91
N SER B 78 6.24 -7.85 -1.38
CA SER B 78 4.97 -8.21 -1.98
C SER B 78 4.47 -7.15 -2.96
N VAL B 79 5.17 -6.04 -3.04
CA VAL B 79 4.74 -4.92 -3.89
C VAL B 79 5.63 -4.78 -5.11
N ASP B 80 5.01 -4.63 -6.28
CA ASP B 80 5.78 -4.38 -7.51
C ASP B 80 6.20 -2.91 -7.70
N VAL B 81 5.26 -1.99 -7.47
CA VAL B 81 5.49 -0.58 -7.73
C VAL B 81 4.96 0.28 -6.59
N VAL B 82 5.71 1.33 -6.29
CA VAL B 82 5.22 2.37 -5.38
CA VAL B 82 5.27 2.36 -5.36
C VAL B 82 5.11 3.71 -6.10
N VAL B 83 3.98 4.37 -5.91
CA VAL B 83 3.75 5.69 -6.46
C VAL B 83 3.56 6.65 -5.29
N PHE B 84 4.21 7.80 -5.34
CA PHE B 84 4.24 8.70 -4.19
C PHE B 84 4.29 10.17 -4.61
N ASN B 85 3.18 10.88 -4.41
CA ASN B 85 3.23 12.34 -4.40
C ASN B 85 3.42 12.74 -2.94
N PRO B 86 4.65 13.11 -2.56
CA PRO B 86 4.98 13.26 -1.15
C PRO B 86 4.71 14.67 -0.61
N PRO B 87 4.69 14.83 0.73
CA PRO B 87 4.66 16.19 1.32
C PRO B 87 5.98 16.85 0.95
N TYR B 88 5.96 17.87 0.13
CA TYR B 88 7.20 18.38 -0.44
C TYR B 88 7.43 19.87 -0.15
N VAL B 89 6.59 20.47 0.67
CA VAL B 89 6.64 21.91 0.89
C VAL B 89 7.70 22.31 1.92
N PRO B 90 8.69 23.12 1.50
CA PRO B 90 9.84 23.47 2.33
C PRO B 90 9.46 24.30 3.54
N ASP B 91 10.18 24.11 4.64
CA ASP B 91 10.11 25.00 5.81
C ASP B 91 8.81 24.94 6.60
N THR B 92 8.04 23.90 6.39
CA THR B 92 6.95 23.62 7.30
C THR B 92 6.92 22.12 7.59
N ASP B 93 6.46 21.79 8.79
CA ASP B 93 6.28 20.42 9.23
C ASP B 93 4.79 20.12 9.39
N ASP B 94 3.97 20.84 8.63
CA ASP B 94 2.56 20.49 8.53
C ASP B 94 2.46 19.01 8.11
N PRO B 95 1.62 18.25 8.80
CA PRO B 95 1.61 16.78 8.65
C PRO B 95 1.15 16.35 7.27
N ILE B 96 0.45 17.22 6.54
CA ILE B 96 -0.05 16.87 5.21
C ILE B 96 0.90 17.27 4.08
N ILE B 97 1.41 18.50 4.13
CA ILE B 97 2.19 19.01 3.00
C ILE B 97 3.64 19.29 3.35
N GLY B 98 3.96 19.27 4.65
CA GLY B 98 5.25 19.76 5.11
C GLY B 98 6.41 18.82 4.84
N GLY B 99 7.46 19.33 4.22
CA GLY B 99 8.66 18.54 4.03
C GLY B 99 9.85 19.05 4.83
N GLY B 100 9.60 19.96 5.76
CA GLY B 100 10.66 20.57 6.54
C GLY B 100 11.80 21.14 5.72
N TYR B 101 13.01 20.86 6.17
CA TYR B 101 14.20 21.43 5.54
C TYR B 101 14.30 21.01 4.07
N LEU B 102 14.31 22.01 3.19
CA LEU B 102 14.36 21.78 1.75
C LEU B 102 13.09 21.10 1.21
N GLY B 103 12.08 20.95 2.06
CA GLY B 103 10.88 20.19 1.73
C GLY B 103 11.19 18.71 1.51
N ARG B 104 12.33 18.28 2.04
CA ARG B 104 12.94 16.99 1.69
C ARG B 104 12.91 15.91 2.78
N GLU B 105 12.44 16.27 3.97
CA GLU B 105 12.53 15.35 5.09
C GLU B 105 11.74 14.05 4.90
N VAL B 106 10.54 14.11 4.33
CA VAL B 106 9.78 12.89 4.11
C VAL B 106 10.32 12.15 2.89
N ILE B 107 10.62 12.91 1.83
CA ILE B 107 11.21 12.33 0.64
C ILE B 107 12.45 11.51 0.98
N ASP B 108 13.32 12.10 1.80
CA ASP B 108 14.58 11.48 2.18
C ASP B 108 14.33 10.23 3.03
N ARG B 109 13.35 10.30 3.91
CA ARG B 109 12.97 9.12 4.68
C ARG B 109 12.47 8.00 3.78
N PHE B 110 11.68 8.38 2.78
CA PHE B 110 11.13 7.43 1.83
C PHE B 110 12.26 6.75 1.03
N VAL B 111 13.13 7.55 0.46
CA VAL B 111 14.20 7.03 -0.37
C VAL B 111 15.08 6.06 0.42
N ASP B 112 15.35 6.39 1.68
CA ASP B 112 16.16 5.51 2.50
C ASP B 112 15.50 4.23 2.99
N ALA B 113 14.19 4.08 2.78
CA ALA B 113 13.51 2.87 3.19
C ALA B 113 12.98 2.02 2.02
N VAL B 114 12.94 2.60 0.82
CA VAL B 114 12.23 1.95 -0.29
C VAL B 114 13.09 0.84 -0.90
N THR B 115 12.47 -0.30 -1.17
CA THR B 115 13.22 -1.44 -1.72
C THR B 115 12.49 -2.14 -2.87
N VAL B 116 11.31 -1.63 -3.25
CA VAL B 116 10.55 -2.28 -4.32
C VAL B 116 11.25 -2.14 -5.66
N GLY B 117 10.86 -2.94 -6.64
CA GLY B 117 11.56 -2.98 -7.91
C GLY B 117 11.42 -1.70 -8.74
N MET B 118 10.30 -1.00 -8.59
CA MET B 118 10.02 0.19 -9.39
C MET B 118 9.25 1.24 -8.60
N LEU B 119 9.56 2.51 -8.83
CA LEU B 119 8.87 3.59 -8.14
C LEU B 119 8.67 4.82 -9.03
N TYR B 120 7.60 5.55 -8.75
CA TYR B 120 7.36 6.85 -9.41
C TYR B 120 7.22 7.88 -8.30
N LEU B 121 8.08 8.88 -8.30
CA LEU B 121 8.12 9.88 -7.23
C LEU B 121 7.98 11.28 -7.80
N LEU B 122 7.16 12.12 -7.17
CA LEU B 122 7.03 13.50 -7.60
C LEU B 122 7.83 14.40 -6.68
N VAL B 123 8.53 15.35 -7.27
CA VAL B 123 9.35 16.28 -6.51
C VAL B 123 9.19 17.66 -7.17
N ILE B 124 9.52 18.73 -6.46
CA ILE B 124 9.54 20.06 -7.06
C ILE B 124 10.97 20.62 -7.09
N GLU B 125 11.17 21.68 -7.86
CA GLU B 125 12.51 22.23 -8.04
C GLU B 125 13.19 22.54 -6.70
N ALA B 126 12.40 23.04 -5.75
CA ALA B 126 12.94 23.43 -4.46
C ALA B 126 13.52 22.26 -3.66
N ASN B 127 13.07 21.04 -3.95
CA ASN B 127 13.57 19.86 -3.25
C ASN B 127 14.99 19.47 -3.68
N ARG B 128 15.48 20.09 -4.75
CA ARG B 128 16.77 19.76 -5.36
C ARG B 128 16.74 18.37 -5.96
N PRO B 129 16.05 18.25 -7.12
CA PRO B 129 15.74 16.97 -7.76
C PRO B 129 16.99 16.13 -7.99
N LYS B 130 18.10 16.80 -8.26
CA LYS B 130 19.35 16.10 -8.53
C LYS B 130 19.88 15.37 -7.31
N GLU B 131 19.75 15.98 -6.14
CA GLU B 131 20.12 15.30 -4.90
C GLU B 131 19.22 14.10 -4.65
N VAL B 132 17.95 14.20 -5.07
CA VAL B 132 17.03 13.08 -4.94
C VAL B 132 17.46 11.95 -5.87
N LEU B 133 17.73 12.27 -7.13
CA LEU B 133 18.22 11.26 -8.06
C LEU B 133 19.46 10.56 -7.51
N ALA B 134 20.40 11.35 -7.01
CA ALA B 134 21.64 10.80 -6.47
C ALA B 134 21.37 9.82 -5.32
N ARG B 135 20.49 10.22 -4.40
CA ARG B 135 20.21 9.37 -3.24
C ARG B 135 19.59 8.06 -3.69
N LEU B 136 18.76 8.13 -4.73
CA LEU B 136 18.10 6.98 -5.30
C LEU B 136 19.12 6.05 -5.94
N GLU B 137 20.11 6.64 -6.61
CA GLU B 137 21.17 5.85 -7.22
C GLU B 137 21.92 5.08 -6.15
N GLU B 138 22.21 5.77 -5.05
CA GLU B 138 22.89 5.16 -3.92
C GLU B 138 22.10 3.98 -3.34
N ARG B 139 20.80 3.96 -3.57
CA ARG B 139 19.95 2.92 -3.03
C ARG B 139 19.73 1.79 -4.02
N GLY B 140 20.40 1.89 -5.17
CA GLY B 140 20.32 0.85 -6.18
C GLY B 140 19.32 1.10 -7.27
N TYR B 141 18.78 2.31 -7.37
CA TYR B 141 17.80 2.57 -8.43
C TYR B 141 18.42 3.26 -9.62
N GLY B 142 18.26 2.66 -10.80
CA GLY B 142 18.50 3.41 -12.01
C GLY B 142 17.35 4.38 -12.12
N THR B 143 17.65 5.65 -12.37
CA THR B 143 16.61 6.68 -12.38
C THR B 143 16.51 7.39 -13.72
N ARG B 144 15.36 7.99 -13.97
CA ARG B 144 15.25 9.01 -15.01
C ARG B 144 14.09 9.93 -14.70
N ILE B 145 14.20 11.17 -15.15
CA ILE B 145 13.14 12.16 -14.99
C ILE B 145 12.10 11.95 -16.08
N LEU B 146 11.00 11.29 -15.74
CA LEU B 146 9.97 10.96 -16.72
C LEU B 146 9.34 12.19 -17.34
N LYS B 147 9.12 13.22 -16.54
CA LYS B 147 8.41 14.39 -17.02
C LYS B 147 8.73 15.62 -16.20
N VAL B 148 8.84 16.75 -16.88
CA VAL B 148 9.01 18.04 -16.22
C VAL B 148 7.85 18.92 -16.68
N ARG B 149 7.29 19.69 -15.76
CA ARG B 149 6.13 20.51 -16.07
C ARG B 149 6.02 21.67 -15.11
N LYS B 150 5.94 22.87 -15.66
CA LYS B 150 5.71 24.06 -14.85
C LYS B 150 4.23 24.15 -14.57
N ILE B 151 3.86 24.37 -13.31
CA ILE B 151 2.46 24.53 -12.93
C ILE B 151 2.37 25.83 -12.14
N LEU B 152 1.16 26.18 -11.69
CA LEU B 152 0.98 27.35 -10.84
C LEU B 152 1.79 27.26 -9.55
N GLY B 153 2.87 28.04 -9.47
CA GLY B 153 3.65 28.05 -8.24
C GLY B 153 5.05 27.52 -8.38
N GLU B 154 5.22 26.37 -9.03
CA GLU B 154 6.57 25.81 -9.22
C GLU B 154 6.66 24.86 -10.40
N THR B 155 7.78 24.16 -10.48
CA THR B 155 7.98 23.20 -11.55
C THR B 155 8.04 21.80 -10.95
N VAL B 156 7.30 20.88 -11.57
CA VAL B 156 7.18 19.53 -11.04
C VAL B 156 8.07 18.57 -11.80
N TYR B 157 8.76 17.70 -11.07
CA TYR B 157 9.56 16.63 -11.65
C TYR B 157 9.04 15.25 -11.25
N ILE B 158 8.77 14.42 -12.24
CA ILE B 158 8.36 13.06 -11.97
C ILE B 158 9.53 12.10 -12.17
N ILE B 159 9.97 11.52 -11.07
CA ILE B 159 11.10 10.62 -11.09
C ILE B 159 10.65 9.16 -11.22
N LYS B 160 11.22 8.44 -12.18
CA LYS B 160 10.99 7.01 -12.28
C LYS B 160 12.25 6.28 -11.82
N GLY B 161 12.09 5.34 -10.90
CA GLY B 161 13.22 4.59 -10.38
C GLY B 161 13.02 3.11 -10.59
N GLU B 162 14.09 2.43 -11.00
CA GLU B 162 13.97 1.00 -11.24
C GLU B 162 15.26 0.28 -10.88
N LYS B 163 15.12 -0.84 -10.18
CA LYS B 163 16.26 -1.69 -9.91
C LYS B 163 16.57 -2.58 -11.12
N SER B 164 17.84 -2.94 -11.26
CA SER B 164 18.26 -3.79 -12.37
C SER B 164 17.98 -5.26 -12.07
#